data_6RZ3
#
_entry.id   6RZ3
#
_cell.length_a   71.090
_cell.length_b   71.090
_cell.length_c   255.589
_cell.angle_alpha   90.000
_cell.angle_beta   90.000
_cell.angle_gamma   90.000
#
_symmetry.space_group_name_H-M   'P 41 21 2'
#
loop_
_entity.id
_entity.type
_entity.pdbx_description
1 polymer 'Cellular tumor antigen p53'
2 polymer 'RelA-associated inhibitor'
3 non-polymer 'ZINC ION'
#
loop_
_entity_poly.entity_id
_entity_poly.type
_entity_poly.pdbx_seq_one_letter_code
_entity_poly.pdbx_strand_id
1 'polypeptide(L)'
;MEAPRMPEAAPPVAPAPAAPTPAAPAPAPSWPLSSSVPSQKTYQGSYGFRLGFLHSGTAKSVTCTYSPALNKMFCQLAKT
CPVQLWVDSTPPPGTRVRAMAIYKQSQHMTEVVRRCPHHERCSDSDGLAPPQHLIRVEGNLRVEYLDDRNTFRHSVVVPY
EPPEVGSDCTTIHYNYMCNSSCMGGMNRRPILTIITLEDSSGNLLGRNSFEVRVCACPGRDRRTEEENLRKK
;
A
2 'polypeptide(L)'
;MLNPLVLLLDAALTGELEVVQQAVKEMNDPSQPNEEGITALHNAICGANYSIVDFLITAGANVNSPDSHGWTPLHCAASC
NDTVICMALVQHGAAIFATTLSDGATAFEKCDPYREGYADCATYLADVEQSMGLMNSGAVYALWDYSAEFGDELSFREGE
SVTVLRRDGPEETDWWWAALHGQEGYVPRNYFGLFPRVKPQRSKVLEGGSGGSGLNDIFEAQKIEWHEGRTKHHHHHH
;
B
#
# COMPACT_ATOMS: atom_id res chain seq x y z
N TRP A 31 -19.99 -17.35 -23.36
CA TRP A 31 -18.71 -17.94 -22.90
C TRP A 31 -18.97 -19.02 -21.84
N PRO A 32 -18.19 -20.10 -21.89
CA PRO A 32 -18.36 -21.16 -20.89
C PRO A 32 -17.94 -20.67 -19.50
N LEU A 33 -18.67 -21.10 -18.48
CA LEU A 33 -18.30 -20.80 -17.09
C LEU A 33 -17.23 -21.77 -16.62
N SER A 34 -16.39 -21.31 -15.69
CA SER A 34 -15.40 -22.20 -15.09
C SER A 34 -16.12 -23.18 -14.18
N SER A 35 -15.52 -24.34 -13.97
CA SER A 35 -16.08 -25.34 -13.06
C SER A 35 -15.49 -25.22 -11.65
N SER A 36 -14.63 -24.23 -11.46
CA SER A 36 -13.90 -24.06 -10.20
C SER A 36 -13.48 -22.61 -10.03
N VAL A 37 -13.02 -22.27 -8.82
CA VAL A 37 -12.57 -20.92 -8.52
C VAL A 37 -11.19 -20.98 -7.86
N PRO A 38 -10.21 -20.27 -8.45
CA PRO A 38 -8.90 -20.31 -7.86
C PRO A 38 -8.87 -19.62 -6.47
N SER A 39 -7.94 -20.08 -5.64
CA SER A 39 -7.83 -19.55 -4.29
C SER A 39 -7.32 -18.13 -4.33
N GLN A 40 -7.77 -17.32 -3.38
CA GLN A 40 -7.15 -16.02 -3.13
C GLN A 40 -6.58 -15.99 -1.71
N LYS A 41 -6.41 -17.17 -1.12
CA LYS A 41 -5.85 -17.29 0.20
C LYS A 41 -4.41 -16.80 0.25
N THR A 42 -4.14 -15.83 1.12
CA THR A 42 -2.77 -15.39 1.32
C THR A 42 -1.92 -16.55 1.85
N TYR A 43 -0.76 -16.76 1.25
CA TYR A 43 0.11 -17.87 1.65
C TYR A 43 1.57 -17.46 1.43
N GLN A 44 2.30 -17.16 2.51
CA GLN A 44 3.70 -16.73 2.36
C GLN A 44 4.62 -17.88 2.00
N GLY A 45 4.27 -19.08 2.44
CA GLY A 45 5.06 -20.27 2.10
C GLY A 45 6.41 -20.32 2.78
N SER A 46 7.27 -21.22 2.28
CA SER A 46 8.60 -21.41 2.85
C SER A 46 9.53 -20.23 2.59
N TYR A 47 9.23 -19.42 1.57
CA TYR A 47 10.09 -18.31 1.18
C TYR A 47 9.61 -16.97 1.70
N GLY A 48 8.51 -16.99 2.43
CA GLY A 48 8.00 -15.78 3.06
C GLY A 48 7.60 -14.78 2.00
N PHE A 49 6.80 -15.25 1.06
CA PHE A 49 6.39 -14.44 -0.09
C PHE A 49 5.27 -13.48 0.30
N ARG A 50 5.50 -12.21 0.06
CA ARG A 50 4.42 -11.24 0.16
C ARG A 50 4.57 -10.13 -0.87
N LEU A 51 3.59 -9.24 -0.91
CA LEU A 51 3.55 -8.21 -1.93
C LEU A 51 3.87 -6.85 -1.34
N GLY A 52 4.28 -5.95 -2.21
CA GLY A 52 4.41 -4.54 -1.91
C GLY A 52 3.94 -3.78 -3.14
N PHE A 53 3.68 -2.48 -3.02
CA PHE A 53 3.12 -1.74 -4.14
C PHE A 53 3.80 -0.39 -4.26
N LEU A 54 3.74 0.19 -5.44
CA LEU A 54 4.25 1.52 -5.70
C LEU A 54 3.12 2.37 -6.28
N HIS A 55 3.38 3.65 -6.36
CA HIS A 55 2.47 4.60 -7.02
C HIS A 55 3.15 5.27 -8.18
N SER A 56 2.48 5.24 -9.33
CA SER A 56 3.10 5.69 -10.57
C SER A 56 2.81 7.16 -10.91
N GLY A 57 1.87 7.74 -10.13
CA GLY A 57 1.43 9.12 -10.32
C GLY A 57 2.50 10.16 -10.70
N THR A 58 2.45 10.63 -11.94
CA THR A 58 3.41 11.63 -12.41
C THR A 58 3.02 13.00 -11.89
N ALA A 59 3.46 13.32 -10.69
CA ALA A 59 3.17 14.60 -10.09
C ALA A 59 1.65 14.78 -9.98
N LYS A 60 1.12 15.81 -10.63
CA LYS A 60 -0.29 16.10 -10.48
C LYS A 60 -1.16 14.95 -10.98
N SER A 61 -0.65 14.19 -11.94
CA SER A 61 -1.44 13.12 -12.54
C SER A 61 -1.45 11.83 -11.69
N VAL A 62 -2.57 11.55 -11.04
CA VAL A 62 -2.66 10.36 -10.20
C VAL A 62 -2.77 9.10 -11.05
N THR A 63 -1.66 8.39 -11.29
CA THR A 63 -1.75 7.25 -12.21
C THR A 63 -2.27 5.90 -11.66
N CYS A 64 -1.55 5.24 -10.74
CA CYS A 64 -1.97 3.96 -10.18
C CYS A 64 -1.69 4.07 -8.68
N THR A 65 -2.69 3.92 -7.83
CA THR A 65 -2.47 4.08 -6.39
C THR A 65 -2.99 2.88 -5.65
N TYR A 66 -2.27 2.44 -4.61
CA TYR A 66 -2.68 1.30 -3.80
C TYR A 66 -3.16 1.72 -2.42
N SER A 67 -4.28 1.17 -1.97
CA SER A 67 -4.78 1.45 -0.63
C SER A 67 -4.51 0.30 0.33
N PRO A 68 -3.59 0.51 1.28
CA PRO A 68 -3.38 -0.51 2.31
C PRO A 68 -4.64 -0.84 3.11
N ALA A 69 -5.39 0.17 3.50
CA ALA A 69 -6.56 -0.09 4.35
C ALA A 69 -7.56 -0.99 3.64
N LEU A 70 -7.73 -0.77 2.34
CA LEU A 70 -8.69 -1.52 1.53
C LEU A 70 -8.11 -2.78 0.87
N ASN A 71 -6.79 -2.94 0.89
CA ASN A 71 -6.09 -3.94 0.08
C ASN A 71 -6.57 -3.89 -1.36
N LYS A 72 -6.53 -2.69 -1.93
CA LYS A 72 -7.14 -2.46 -3.24
C LYS A 72 -6.30 -1.52 -4.09
N MET A 73 -6.02 -1.95 -5.31
CA MET A 73 -5.30 -1.14 -6.27
C MET A 73 -6.27 -0.37 -7.15
N PHE A 74 -6.00 0.91 -7.34
CA PHE A 74 -6.77 1.76 -8.26
C PHE A 74 -5.82 2.14 -9.38
N CYS A 75 -6.17 1.79 -10.61
CA CYS A 75 -5.25 2.05 -11.70
C CYS A 75 -5.98 2.48 -12.97
N GLN A 76 -5.25 3.13 -13.87
CA GLN A 76 -5.81 3.54 -15.14
C GLN A 76 -5.57 2.48 -16.20
N LEU A 77 -6.43 2.45 -17.20
CA LEU A 77 -6.30 1.47 -18.26
C LEU A 77 -4.98 1.64 -19.02
N ALA A 78 -4.28 0.51 -19.17
CA ALA A 78 -3.02 0.42 -19.90
C ALA A 78 -1.83 1.16 -19.27
N LYS A 79 -2.01 1.68 -18.06
CA LYS A 79 -0.92 2.36 -17.39
C LYS A 79 -0.09 1.39 -16.57
N THR A 80 1.17 1.73 -16.33
CA THR A 80 2.08 0.86 -15.58
C THR A 80 1.59 0.68 -14.14
N CYS A 81 1.48 -0.58 -13.74
CA CYS A 81 1.05 -0.91 -12.39
C CYS A 81 2.14 -1.73 -11.68
N PRO A 82 3.03 -1.05 -10.93
CA PRO A 82 4.08 -1.83 -10.29
C PRO A 82 3.55 -2.68 -9.15
N VAL A 83 3.94 -3.95 -9.14
CA VAL A 83 3.67 -4.86 -8.04
C VAL A 83 5.00 -5.45 -7.58
N GLN A 84 5.28 -5.34 -6.29
CA GLN A 84 6.54 -5.82 -5.75
C GLN A 84 6.42 -7.21 -5.14
N LEU A 85 7.38 -8.06 -5.45
CA LEU A 85 7.50 -9.37 -4.80
C LEU A 85 8.57 -9.30 -3.71
N TRP A 86 8.17 -9.55 -2.48
CA TRP A 86 9.13 -9.60 -1.39
C TRP A 86 9.24 -11.02 -0.86
N VAL A 87 10.47 -11.52 -0.74
CA VAL A 87 10.67 -12.85 -0.15
C VAL A 87 11.70 -12.77 0.96
N ASP A 88 11.63 -13.70 1.88
CA ASP A 88 12.54 -13.75 3.03
C ASP A 88 13.85 -14.41 2.61
N SER A 89 13.71 -15.36 1.69
CA SER A 89 14.84 -16.07 1.13
C SER A 89 14.53 -16.43 -0.33
N THR A 90 15.59 -16.71 -1.09
CA THR A 90 15.48 -16.81 -2.53
C THR A 90 14.95 -18.17 -2.98
N PRO A 91 13.88 -18.19 -3.79
CA PRO A 91 13.41 -19.45 -4.33
C PRO A 91 14.36 -19.93 -5.41
N PRO A 92 14.25 -21.21 -5.81
CA PRO A 92 15.20 -21.76 -6.77
C PRO A 92 15.04 -21.21 -8.18
N PRO A 93 16.13 -21.25 -8.97
CA PRO A 93 16.05 -20.85 -10.38
C PRO A 93 14.98 -21.66 -11.08
N GLY A 94 14.24 -21.03 -11.99
CA GLY A 94 13.16 -21.71 -12.70
C GLY A 94 11.80 -21.41 -12.07
N THR A 95 11.83 -20.70 -10.94
CA THR A 95 10.61 -20.28 -10.29
C THR A 95 9.88 -19.31 -11.22
N ARG A 96 8.55 -19.31 -11.15
CA ARG A 96 7.75 -18.46 -12.02
C ARG A 96 6.72 -17.69 -11.19
N VAL A 97 6.19 -16.61 -11.76
CA VAL A 97 5.23 -15.75 -11.07
C VAL A 97 4.01 -15.58 -11.95
N ARG A 98 2.85 -16.00 -11.45
CA ARG A 98 1.61 -15.97 -12.24
C ARG A 98 0.60 -14.97 -11.68
N ALA A 99 -0.12 -14.30 -12.57
CA ALA A 99 -1.19 -13.37 -12.19
C ALA A 99 -2.49 -13.77 -12.87
N MET A 100 -3.60 -13.69 -12.14
CA MET A 100 -4.89 -14.12 -12.65
C MET A 100 -5.97 -13.28 -11.98
N ALA A 101 -6.99 -12.89 -12.73
CA ALA A 101 -8.10 -12.11 -12.15
C ALA A 101 -9.32 -13.00 -11.94
N ILE A 102 -10.03 -12.77 -10.84
CA ILE A 102 -11.34 -13.41 -10.64
C ILE A 102 -12.34 -12.38 -10.14
N TYR A 103 -13.62 -12.64 -10.34
CA TYR A 103 -14.63 -11.76 -9.74
C TYR A 103 -14.66 -11.97 -8.23
N LYS A 104 -14.83 -10.88 -7.50
CA LYS A 104 -14.74 -10.88 -6.04
C LYS A 104 -16.01 -11.42 -5.40
N GLN A 105 -17.15 -11.16 -6.03
CA GLN A 105 -18.45 -11.59 -5.50
C GLN A 105 -18.73 -13.05 -5.81
N SER A 106 -19.27 -13.75 -4.81
CA SER A 106 -19.50 -15.20 -4.92
C SER A 106 -20.29 -15.59 -6.17
N GLN A 107 -21.30 -14.80 -6.51
CA GLN A 107 -22.20 -15.17 -7.60
C GLN A 107 -21.55 -15.05 -8.98
N HIS A 108 -20.45 -14.30 -9.06
CA HIS A 108 -19.81 -14.05 -10.34
C HIS A 108 -18.50 -14.80 -10.45
N MET A 109 -18.11 -15.47 -9.37
CA MET A 109 -16.80 -16.08 -9.30
C MET A 109 -16.52 -17.12 -10.40
N THR A 110 -17.53 -17.87 -10.81
CA THR A 110 -17.38 -18.90 -11.83
C THR A 110 -17.21 -18.31 -13.24
N GLU A 111 -17.55 -17.04 -13.39
CA GLU A 111 -17.44 -16.38 -14.69
C GLU A 111 -15.99 -15.95 -14.99
N VAL A 112 -15.50 -16.35 -16.16
CA VAL A 112 -14.13 -16.04 -16.53
C VAL A 112 -13.99 -14.52 -16.79
N VAL A 113 -13.02 -13.90 -16.14
CA VAL A 113 -12.74 -12.49 -16.35
C VAL A 113 -12.02 -12.30 -17.68
N ARG A 114 -12.60 -11.47 -18.56
CA ARG A 114 -12.04 -11.25 -19.89
C ARG A 114 -12.32 -9.83 -20.37
N ARG A 115 -11.65 -9.41 -21.43
CA ARG A 115 -11.89 -8.07 -21.97
C ARG A 115 -13.23 -7.98 -22.71
N CYS A 116 -13.79 -6.78 -22.71
CA CYS A 116 -15.07 -6.55 -23.36
C CYS A 116 -14.95 -6.61 -24.87
N PRO A 117 -16.09 -6.71 -25.58
CA PRO A 117 -16.01 -6.82 -27.03
C PRO A 117 -15.20 -5.67 -27.67
N HIS A 118 -15.43 -4.45 -27.20
CA HIS A 118 -14.74 -3.28 -27.75
C HIS A 118 -13.22 -3.42 -27.62
N HIS A 119 -12.75 -3.69 -26.42
CA HIS A 119 -11.32 -3.73 -26.18
C HIS A 119 -10.66 -4.94 -26.83
N GLU A 120 -11.37 -6.06 -26.84
CA GLU A 120 -10.86 -7.26 -27.51
C GLU A 120 -10.56 -6.99 -28.99
N ARG A 121 -11.41 -6.18 -29.62
CA ARG A 121 -11.27 -5.83 -31.02
C ARG A 121 -10.40 -4.59 -31.31
N CYS A 122 -10.04 -3.83 -30.30
CA CYS A 122 -9.26 -2.62 -30.57
C CYS A 122 -7.81 -2.94 -30.94
N SER A 123 -7.15 -1.97 -31.56
CA SER A 123 -5.81 -2.17 -32.11
C SER A 123 -4.73 -1.81 -31.10
N ASP A 124 -4.76 -2.47 -29.93
CA ASP A 124 -3.77 -2.14 -28.90
C ASP A 124 -2.84 -3.30 -28.58
N SER A 125 -2.64 -4.20 -29.56
CA SER A 125 -1.79 -5.36 -29.36
C SER A 125 -0.33 -4.94 -29.21
N ASP A 126 0.38 -5.65 -28.32
CA ASP A 126 1.82 -5.49 -28.21
C ASP A 126 2.54 -6.60 -28.96
N GLY A 127 1.77 -7.46 -29.64
CA GLY A 127 2.31 -8.56 -30.40
C GLY A 127 2.49 -9.85 -29.61
N LEU A 128 2.31 -9.76 -28.29
CA LEU A 128 2.53 -10.93 -27.44
C LEU A 128 1.26 -11.40 -26.72
N ALA A 129 0.43 -10.46 -26.29
CA ALA A 129 -0.68 -10.82 -25.42
C ALA A 129 -1.90 -11.21 -26.23
N PRO A 130 -2.67 -12.21 -25.73
CA PRO A 130 -3.94 -12.54 -26.35
C PRO A 130 -4.91 -11.35 -26.25
N PRO A 131 -5.64 -11.06 -27.34
CA PRO A 131 -6.55 -9.91 -27.35
C PRO A 131 -7.60 -9.93 -26.22
N GLN A 132 -7.96 -11.12 -25.74
CA GLN A 132 -8.98 -11.24 -24.70
C GLN A 132 -8.46 -11.04 -23.27
N HIS A 133 -7.15 -11.04 -23.09
CA HIS A 133 -6.60 -11.01 -21.75
C HIS A 133 -6.64 -9.63 -21.09
N LEU A 134 -7.15 -9.59 -19.86
CA LEU A 134 -7.20 -8.38 -19.06
C LEU A 134 -5.80 -7.91 -18.63
N ILE A 135 -5.03 -8.84 -18.06
CA ILE A 135 -3.75 -8.52 -17.46
C ILE A 135 -2.58 -8.79 -18.41
N ARG A 136 -1.75 -7.78 -18.63
CA ARG A 136 -0.51 -7.96 -19.38
C ARG A 136 0.68 -7.63 -18.50
N VAL A 137 1.85 -8.16 -18.83
CA VAL A 137 3.08 -7.72 -18.19
C VAL A 137 3.86 -6.93 -19.22
N GLU A 138 4.32 -5.74 -18.85
CA GLU A 138 5.20 -4.97 -19.74
C GLU A 138 6.65 -5.18 -19.37
N GLY A 139 7.54 -4.96 -20.35
CA GLY A 139 8.97 -4.93 -20.10
C GLY A 139 9.62 -6.27 -19.86
N ASN A 140 9.01 -7.35 -20.35
CA ASN A 140 9.59 -8.68 -20.19
C ASN A 140 9.28 -9.55 -21.37
N LEU A 141 10.28 -9.78 -22.20
CA LEU A 141 10.11 -10.57 -23.42
C LEU A 141 9.97 -12.08 -23.16
N ARG A 142 10.07 -12.50 -21.91
CA ARG A 142 9.83 -13.90 -21.57
C ARG A 142 8.45 -14.13 -20.96
N VAL A 143 7.59 -13.12 -21.06
CA VAL A 143 6.19 -13.26 -20.66
C VAL A 143 5.51 -14.39 -21.42
N GLU A 144 4.60 -15.08 -20.74
CA GLU A 144 3.88 -16.20 -21.31
C GLU A 144 2.43 -16.12 -20.87
N TYR A 145 1.51 -16.44 -21.77
CA TYR A 145 0.07 -16.31 -21.48
C TYR A 145 -0.61 -17.66 -21.59
N LEU A 146 -1.61 -17.89 -20.74
CA LEU A 146 -2.34 -19.16 -20.71
C LEU A 146 -3.85 -19.03 -20.73
N ASP A 147 -4.51 -19.72 -21.67
CA ASP A 147 -5.94 -19.97 -21.56
C ASP A 147 -6.03 -21.39 -21.03
N ASP A 148 -6.50 -21.57 -19.80
CA ASP A 148 -6.50 -22.89 -19.19
C ASP A 148 -7.52 -23.77 -19.91
N ARG A 149 -7.09 -24.94 -20.39
CA ARG A 149 -7.99 -25.82 -21.14
C ARG A 149 -9.15 -26.35 -20.29
N ASN A 150 -8.92 -26.45 -18.98
CA ASN A 150 -9.88 -27.07 -18.05
C ASN A 150 -10.76 -26.08 -17.32
N THR A 151 -10.16 -24.98 -16.84
CA THR A 151 -10.89 -24.02 -16.04
C THR A 151 -11.37 -22.84 -16.88
N PHE A 152 -10.77 -22.67 -18.06
CA PHE A 152 -11.08 -21.58 -18.99
C PHE A 152 -10.47 -20.23 -18.58
N ARG A 153 -9.82 -20.21 -17.42
CA ARG A 153 -9.29 -18.97 -16.85
C ARG A 153 -8.09 -18.43 -17.65
N HIS A 154 -7.94 -17.10 -17.69
CA HIS A 154 -6.79 -16.49 -18.32
C HIS A 154 -5.74 -16.21 -17.28
N SER A 155 -4.47 -16.35 -17.63
CA SER A 155 -3.42 -15.89 -16.73
C SER A 155 -2.17 -15.47 -17.47
N VAL A 156 -1.27 -14.82 -16.76
CA VAL A 156 -0.01 -14.38 -17.33
C VAL A 156 1.13 -14.76 -16.40
N VAL A 157 2.19 -15.30 -16.96
CA VAL A 157 3.29 -15.79 -16.14
C VAL A 157 4.64 -15.28 -16.64
N VAL A 158 5.51 -14.94 -15.71
CA VAL A 158 6.90 -14.55 -16.02
C VAL A 158 7.88 -15.30 -15.13
N PRO A 159 9.13 -15.46 -15.58
CA PRO A 159 10.16 -16.01 -14.71
C PRO A 159 10.37 -15.11 -13.51
N TYR A 160 10.55 -15.70 -12.33
CA TYR A 160 11.00 -14.94 -11.18
C TYR A 160 12.47 -14.57 -11.39
N GLU A 161 12.77 -13.30 -11.15
CA GLU A 161 14.15 -12.85 -11.09
C GLU A 161 14.39 -12.26 -9.71
N PRO A 162 15.56 -12.54 -9.13
CA PRO A 162 15.88 -11.95 -7.84
C PRO A 162 16.00 -10.44 -7.98
N PRO A 163 15.92 -9.70 -6.86
CA PRO A 163 16.03 -8.25 -6.95
C PRO A 163 17.39 -7.79 -7.48
N GLU A 164 17.41 -6.62 -8.11
CA GLU A 164 18.65 -6.02 -8.59
C GLU A 164 19.53 -5.69 -7.40
N VAL A 165 20.82 -5.44 -7.65
CA VAL A 165 21.72 -5.05 -6.57
C VAL A 165 21.21 -3.77 -5.93
N GLY A 166 21.19 -3.75 -4.60
CA GLY A 166 20.72 -2.58 -3.87
C GLY A 166 19.20 -2.50 -3.79
N SER A 167 18.52 -3.52 -4.29
CA SER A 167 17.07 -3.57 -4.19
C SER A 167 16.63 -4.68 -3.23
N ASP A 168 15.50 -4.47 -2.57
CA ASP A 168 14.99 -5.43 -1.58
C ASP A 168 13.85 -6.28 -2.16
N CYS A 169 13.43 -5.95 -3.37
CA CYS A 169 12.30 -6.66 -3.94
C CYS A 169 12.39 -6.74 -5.46
N THR A 170 11.57 -7.62 -6.03
CA THR A 170 11.45 -7.76 -7.46
C THR A 170 10.18 -7.06 -7.91
N THR A 171 10.29 -6.18 -8.89
CA THR A 171 9.13 -5.44 -9.34
C THR A 171 8.65 -5.93 -10.68
N ILE A 172 7.37 -6.23 -10.77
CA ILE A 172 6.75 -6.58 -12.04
C ILE A 172 5.82 -5.46 -12.45
N HIS A 173 5.88 -5.07 -13.71
CA HIS A 173 5.02 -4.01 -14.21
C HIS A 173 3.81 -4.58 -14.94
N TYR A 174 2.66 -4.59 -14.29
CA TYR A 174 1.43 -5.09 -14.92
C TYR A 174 0.70 -3.96 -15.64
N ASN A 175 -0.12 -4.33 -16.63
CA ASN A 175 -1.05 -3.39 -17.25
C ASN A 175 -2.43 -4.01 -17.23
N TYR A 176 -3.46 -3.23 -16.98
CA TYR A 176 -4.83 -3.73 -17.05
C TYR A 176 -5.52 -3.10 -18.24
N MET A 177 -6.15 -3.91 -19.07
CA MET A 177 -6.52 -3.48 -20.43
C MET A 177 -8.03 -3.31 -20.63
N CYS A 178 -8.75 -3.25 -19.53
CA CYS A 178 -10.19 -2.99 -19.61
C CYS A 178 -10.64 -2.22 -18.38
N ASN A 179 -11.61 -1.34 -18.53
CA ASN A 179 -12.14 -0.55 -17.38
C ASN A 179 -13.15 -1.33 -16.60
N SER A 180 -13.18 -1.10 -15.29
CA SER A 180 -14.15 -1.80 -14.46
C SER A 180 -15.56 -1.58 -14.99
N SER A 181 -15.77 -0.45 -15.66
CA SER A 181 -17.12 -0.04 -16.04
C SER A 181 -17.53 -0.61 -17.38
N CYS A 182 -16.61 -1.27 -18.09
CA CYS A 182 -16.93 -1.74 -19.45
C CYS A 182 -18.13 -2.69 -19.48
N MET A 183 -19.19 -2.27 -20.18
CA MET A 183 -20.31 -3.17 -20.43
C MET A 183 -19.83 -4.32 -21.31
N GLY A 184 -20.29 -5.52 -21.01
CA GLY A 184 -19.88 -6.68 -21.79
C GLY A 184 -18.59 -7.26 -21.29
N GLY A 185 -17.96 -6.55 -20.35
CA GLY A 185 -16.79 -7.06 -19.65
C GLY A 185 -17.08 -7.12 -18.16
N MET A 186 -16.21 -6.51 -17.36
CA MET A 186 -16.38 -6.55 -15.91
C MET A 186 -17.72 -5.92 -15.50
N ASN A 187 -18.14 -4.91 -16.25
CA ASN A 187 -19.45 -4.29 -16.07
C ASN A 187 -19.68 -3.87 -14.61
N ARG A 188 -18.68 -3.21 -14.03
CA ARG A 188 -18.76 -2.63 -12.70
C ARG A 188 -18.64 -3.63 -11.56
N ARG A 189 -18.34 -4.88 -11.88
CA ARG A 189 -18.21 -5.89 -10.83
C ARG A 189 -16.76 -5.91 -10.35
N PRO A 190 -16.55 -5.89 -9.03
CA PRO A 190 -15.18 -5.87 -8.49
C PRO A 190 -14.42 -7.14 -8.81
N ILE A 191 -13.11 -7.01 -9.05
CA ILE A 191 -12.26 -8.15 -9.28
C ILE A 191 -11.12 -8.22 -8.25
N LEU A 192 -10.55 -9.40 -8.09
CA LEU A 192 -9.30 -9.56 -7.34
C LEU A 192 -8.24 -10.03 -8.31
N THR A 193 -7.02 -9.58 -8.10
CA THR A 193 -5.87 -10.20 -8.77
C THR A 193 -5.21 -11.13 -7.77
N ILE A 194 -4.93 -12.35 -8.23
CA ILE A 194 -4.26 -13.35 -7.41
C ILE A 194 -2.86 -13.52 -7.99
N ILE A 195 -1.84 -13.32 -7.16
CA ILE A 195 -0.45 -13.53 -7.57
C ILE A 195 0.02 -14.83 -6.95
N THR A 196 0.53 -15.75 -7.77
CA THR A 196 1.10 -16.98 -7.23
C THR A 196 2.57 -17.14 -7.58
N LEU A 197 3.33 -17.73 -6.67
CA LEU A 197 4.71 -18.08 -6.92
C LEU A 197 4.70 -19.59 -7.18
N GLU A 198 5.31 -20.05 -8.26
CA GLU A 198 5.29 -21.48 -8.60
C GLU A 198 6.69 -21.96 -8.92
N ASP A 199 6.93 -23.25 -8.79
CA ASP A 199 8.19 -23.80 -9.30
C ASP A 199 8.10 -24.02 -10.81
N SER A 200 9.16 -24.55 -11.40
CA SER A 200 9.25 -24.67 -12.84
C SER A 200 8.20 -25.61 -13.39
N SER A 201 7.64 -26.42 -12.51
CA SER A 201 6.65 -27.44 -12.89
C SER A 201 5.22 -26.97 -12.66
N GLY A 202 5.07 -25.80 -12.05
CA GLY A 202 3.75 -25.25 -11.77
C GLY A 202 3.24 -25.47 -10.35
N ASN A 203 4.02 -26.16 -9.53
CA ASN A 203 3.61 -26.39 -8.15
C ASN A 203 3.68 -25.12 -7.30
N LEU A 204 2.72 -24.97 -6.38
CA LEU A 204 2.57 -23.74 -5.61
C LEU A 204 3.67 -23.51 -4.57
N LEU A 205 4.22 -22.31 -4.56
CA LEU A 205 5.19 -21.91 -3.52
C LEU A 205 4.68 -20.83 -2.58
N GLY A 206 3.82 -19.95 -3.09
CA GLY A 206 3.24 -18.88 -2.28
C GLY A 206 2.12 -18.19 -3.03
N ARG A 207 1.26 -17.49 -2.32
CA ARG A 207 0.08 -16.86 -2.93
C ARG A 207 -0.33 -15.60 -2.14
N ASN A 208 -0.70 -14.57 -2.87
CA ASN A 208 -1.23 -13.35 -2.30
C ASN A 208 -2.28 -12.78 -3.27
N SER A 209 -3.04 -11.79 -2.82
CA SER A 209 -4.07 -11.23 -3.67
C SER A 209 -4.41 -9.81 -3.25
N PHE A 210 -5.02 -9.07 -4.16
CA PHE A 210 -5.49 -7.71 -3.86
C PHE A 210 -6.63 -7.34 -4.81
N GLU A 211 -7.53 -6.50 -4.35
CA GLU A 211 -8.65 -6.08 -5.18
C GLU A 211 -8.15 -5.06 -6.19
N VAL A 212 -8.82 -4.97 -7.32
CA VAL A 212 -8.44 -4.00 -8.36
C VAL A 212 -9.64 -3.27 -8.92
N ARG A 213 -9.50 -1.95 -9.05
CA ARG A 213 -10.46 -1.12 -9.77
C ARG A 213 -9.71 -0.40 -10.88
N VAL A 214 -10.13 -0.63 -12.11
CA VAL A 214 -9.52 0.06 -13.24
C VAL A 214 -10.43 1.22 -13.58
N CYS A 215 -9.91 2.43 -13.44
CA CYS A 215 -10.75 3.62 -13.61
C CYS A 215 -9.97 4.79 -14.16
N ALA A 216 -10.70 5.85 -14.48
CA ALA A 216 -10.14 7.04 -15.13
C ALA A 216 -9.38 7.92 -14.14
N CYS A 217 -9.86 7.99 -12.90
CA CYS A 217 -9.19 8.73 -11.86
C CYS A 217 -9.00 7.88 -10.60
N PRO A 218 -7.93 7.07 -10.59
CA PRO A 218 -7.64 6.16 -9.47
C PRO A 218 -7.47 6.90 -8.12
N GLY A 219 -6.79 8.03 -8.12
CA GLY A 219 -6.59 8.79 -6.90
C GLY A 219 -7.90 9.22 -6.27
N ARG A 220 -8.75 9.87 -7.06
CA ARG A 220 -10.07 10.29 -6.59
C ARG A 220 -10.89 9.10 -6.13
N ASP A 221 -10.91 8.03 -6.90
CA ASP A 221 -11.71 6.87 -6.51
C ASP A 221 -11.23 6.22 -5.22
N ARG A 222 -9.92 6.11 -5.06
CA ARG A 222 -9.38 5.58 -3.81
C ARG A 222 -9.83 6.48 -2.63
N ARG A 223 -9.54 7.76 -2.76
CA ARG A 223 -9.87 8.80 -1.81
C ARG A 223 -11.32 8.68 -1.34
N THR A 224 -12.17 8.52 -2.34
CA THR A 224 -13.62 8.42 -2.15
C THR A 224 -14.02 7.15 -1.43
N GLU A 225 -13.50 6.00 -1.86
CA GLU A 225 -13.87 4.72 -1.24
C GLU A 225 -13.43 4.61 0.23
N GLU A 226 -12.32 5.24 0.59
CA GLU A 226 -11.85 5.20 1.97
C GLU A 226 -12.71 6.09 2.87
N GLU A 227 -13.14 7.21 2.30
CA GLU A 227 -14.09 8.10 2.96
C GLU A 227 -15.36 7.35 3.32
N ASN A 228 -15.89 6.59 2.36
CA ASN A 228 -17.15 5.85 2.56
C ASN A 228 -17.01 4.73 3.57
N LEU A 229 -15.86 4.07 3.59
CA LEU A 229 -15.61 3.00 4.54
C LEU A 229 -15.66 3.52 5.98
N ARG A 230 -15.05 4.69 6.20
CA ARG A 230 -15.04 5.30 7.52
C ARG A 230 -16.45 5.52 8.08
N LYS A 231 -17.46 5.33 7.23
CA LYS A 231 -18.85 5.50 7.65
C LYS A 231 -19.36 4.21 8.28
N ASN B 34 10.48 27.52 3.37
CA ASN B 34 10.44 28.98 3.18
C ASN B 34 10.69 29.60 4.55
N GLU B 35 10.43 30.91 4.65
CA GLU B 35 10.67 31.67 5.88
C GLU B 35 9.86 31.16 7.06
N GLU B 36 8.74 30.51 6.75
CA GLU B 36 7.83 30.03 7.79
C GLU B 36 8.03 28.55 8.10
N GLY B 37 9.09 27.96 7.58
CA GLY B 37 9.34 26.55 7.82
C GLY B 37 8.47 25.65 6.95
N ILE B 38 7.70 26.24 6.07
CA ILE B 38 6.76 25.52 5.24
C ILE B 38 7.47 24.85 4.05
N THR B 39 7.19 23.57 3.87
CA THR B 39 7.74 22.77 2.79
C THR B 39 6.66 22.45 1.75
N ALA B 40 7.10 21.92 0.62
CA ALA B 40 6.18 21.65 -0.50
C ALA B 40 5.01 20.78 -0.05
N LEU B 41 5.29 19.77 0.76
CA LEU B 41 4.26 18.87 1.26
C LEU B 41 3.20 19.62 2.07
N HIS B 42 3.66 20.55 2.89
CA HIS B 42 2.78 21.29 3.76
C HIS B 42 1.74 22.06 2.98
N ASN B 43 2.16 22.70 1.89
CA ASN B 43 1.27 23.45 1.02
C ASN B 43 0.20 22.61 0.30
N ALA B 44 0.59 21.43 -0.12
CA ALA B 44 -0.32 20.58 -0.86
C ALA B 44 -1.40 20.11 0.09
N ILE B 45 -1.07 19.92 1.36
CA ILE B 45 -2.02 19.31 2.31
C ILE B 45 -3.18 20.25 2.58
N CYS B 46 -2.87 21.47 2.98
CA CYS B 46 -3.92 22.44 3.33
C CYS B 46 -4.81 22.75 2.14
N GLY B 47 -4.24 22.69 0.94
CA GLY B 47 -4.99 22.96 -0.26
C GLY B 47 -5.74 21.74 -0.76
N ALA B 48 -5.57 20.60 -0.09
CA ALA B 48 -6.32 19.40 -0.43
C ALA B 48 -6.00 18.98 -1.86
N ASN B 49 -4.74 19.14 -2.26
CA ASN B 49 -4.30 18.73 -3.59
C ASN B 49 -3.68 17.33 -3.53
N TYR B 50 -4.56 16.36 -3.39
CA TYR B 50 -4.21 14.99 -3.09
C TYR B 50 -3.14 14.42 -4.02
N SER B 51 -3.21 14.75 -5.30
CA SER B 51 -2.29 14.20 -6.26
C SER B 51 -0.85 14.60 -6.00
N ILE B 52 -0.64 15.85 -5.65
CA ILE B 52 0.69 16.36 -5.36
C ILE B 52 1.24 15.75 -4.07
N VAL B 53 0.36 15.62 -3.07
CA VAL B 53 0.76 15.06 -1.78
C VAL B 53 1.28 13.64 -1.95
N ASP B 54 0.50 12.80 -2.62
CA ASP B 54 0.85 11.40 -2.86
C ASP B 54 2.20 11.33 -3.58
N PHE B 55 2.36 12.15 -4.60
CA PHE B 55 3.60 12.16 -5.38
C PHE B 55 4.78 12.45 -4.48
N LEU B 56 4.67 13.50 -3.67
CA LEU B 56 5.74 13.91 -2.76
C LEU B 56 6.05 12.85 -1.70
N ILE B 57 5.02 12.22 -1.16
CA ILE B 57 5.24 11.18 -0.16
C ILE B 57 6.00 10.02 -0.79
N THR B 58 5.51 9.55 -1.92
CA THR B 58 6.14 8.46 -2.65
C THR B 58 7.58 8.81 -3.02
N ALA B 59 7.82 10.08 -3.30
CA ALA B 59 9.16 10.55 -3.66
C ALA B 59 10.10 10.64 -2.46
N GLY B 60 9.57 10.44 -1.25
CA GLY B 60 10.41 10.48 -0.07
C GLY B 60 10.44 11.81 0.68
N ALA B 61 9.46 12.67 0.43
CA ALA B 61 9.32 13.91 1.15
C ALA B 61 9.19 13.64 2.63
N ASN B 62 9.97 14.35 3.45
CA ASN B 62 9.94 14.20 4.89
C ASN B 62 8.54 14.45 5.47
N VAL B 63 7.86 13.36 5.81
CA VAL B 63 6.49 13.46 6.35
C VAL B 63 6.41 14.08 7.75
N ASN B 64 7.57 14.39 8.35
CA ASN B 64 7.60 14.95 9.70
C ASN B 64 8.26 16.32 9.81
N SER B 65 8.62 16.93 8.69
CA SER B 65 9.25 18.25 8.73
C SER B 65 8.35 19.29 9.40
N PRO B 66 8.83 19.91 10.48
CA PRO B 66 8.06 20.89 11.23
C PRO B 66 8.23 22.32 10.72
N ASP B 67 7.18 23.11 10.72
CA ASP B 67 7.32 24.51 10.34
C ASP B 67 7.76 25.33 11.53
N SER B 68 7.89 26.63 11.32
CA SER B 68 8.30 27.56 12.39
C SER B 68 7.55 27.32 13.71
N HIS B 69 6.29 26.89 13.62
CA HIS B 69 5.47 26.67 14.82
C HIS B 69 5.52 25.23 15.33
N GLY B 70 6.30 24.40 14.67
CA GLY B 70 6.38 23.01 15.07
C GLY B 70 5.28 22.13 14.50
N TRP B 71 4.57 22.65 13.50
CA TRP B 71 3.50 21.92 12.85
C TRP B 71 4.09 20.99 11.77
N THR B 72 3.76 19.71 11.88
CA THR B 72 4.23 18.71 10.94
C THR B 72 3.12 18.55 9.89
N PRO B 73 3.40 17.83 8.80
CA PRO B 73 2.35 17.58 7.81
C PRO B 73 1.10 16.93 8.42
N LEU B 74 1.30 16.07 9.40
CA LEU B 74 0.18 15.39 10.04
C LEU B 74 -0.69 16.41 10.78
N HIS B 75 -0.05 17.37 11.44
CA HIS B 75 -0.78 18.41 12.17
C HIS B 75 -1.67 19.22 11.23
N CYS B 76 -1.16 19.54 10.04
CA CYS B 76 -1.95 20.30 9.07
C CYS B 76 -3.13 19.50 8.55
N ALA B 77 -2.89 18.22 8.25
CA ALA B 77 -3.92 17.35 7.74
C ALA B 77 -5.06 17.20 8.75
N ALA B 78 -4.70 17.08 10.02
CA ALA B 78 -5.69 16.94 11.10
C ALA B 78 -6.51 18.22 11.27
N SER B 79 -5.85 19.38 11.22
CA SER B 79 -6.56 20.65 11.40
C SER B 79 -7.57 20.88 10.27
N CYS B 80 -7.41 20.16 9.15
CA CYS B 80 -8.32 20.25 8.02
C CYS B 80 -9.27 19.05 8.10
N ASN B 81 -9.10 18.23 9.13
CA ASN B 81 -9.89 17.03 9.31
C ASN B 81 -9.83 16.12 8.09
N ASP B 82 -8.73 16.18 7.35
CA ASP B 82 -8.60 15.38 6.13
C ASP B 82 -8.10 13.96 6.42
N THR B 83 -9.05 13.07 6.70
CA THR B 83 -8.77 11.70 7.07
C THR B 83 -7.91 10.97 6.02
N VAL B 84 -8.26 11.12 4.75
CA VAL B 84 -7.55 10.49 3.66
C VAL B 84 -6.05 10.84 3.65
N ILE B 85 -5.73 12.12 3.83
CA ILE B 85 -4.34 12.54 3.86
C ILE B 85 -3.67 11.98 5.12
N CYS B 86 -4.34 12.10 6.27
CA CYS B 86 -3.81 11.59 7.52
C CYS B 86 -3.38 10.14 7.36
N MET B 87 -4.25 9.34 6.76
CA MET B 87 -3.95 7.93 6.52
C MET B 87 -2.70 7.75 5.68
N ALA B 88 -2.62 8.49 4.57
CA ALA B 88 -1.48 8.40 3.68
C ALA B 88 -0.19 8.74 4.42
N LEU B 89 -0.27 9.73 5.31
CA LEU B 89 0.88 10.14 6.10
C LEU B 89 1.23 9.08 7.14
N VAL B 90 0.24 8.60 7.86
CA VAL B 90 0.47 7.57 8.88
C VAL B 90 1.09 6.33 8.26
N GLN B 91 0.55 5.94 7.11
CA GLN B 91 1.03 4.75 6.40
C GLN B 91 2.42 4.93 5.81
N HIS B 92 2.95 6.15 5.87
CA HIS B 92 4.28 6.40 5.34
C HIS B 92 5.25 7.05 6.33
N GLY B 93 5.08 6.74 7.61
CA GLY B 93 6.00 7.18 8.65
C GLY B 93 5.71 8.45 9.44
N ALA B 94 4.44 8.76 9.63
CA ALA B 94 4.07 9.93 10.41
C ALA B 94 4.28 9.66 11.90
N ALA B 95 4.78 10.66 12.61
CA ALA B 95 4.94 10.55 14.05
C ALA B 95 3.60 10.89 14.68
N ILE B 96 2.88 9.86 15.09
CA ILE B 96 1.58 10.03 15.75
C ILE B 96 1.60 10.92 17.01
N PHE B 97 2.64 10.81 17.81
CA PHE B 97 2.74 11.56 19.05
C PHE B 97 3.60 12.87 18.94
N ALA B 98 3.96 13.28 17.73
CA ALA B 98 4.71 14.50 17.53
C ALA B 98 3.88 15.66 18.06
N THR B 99 4.54 16.62 18.69
CA THR B 99 3.83 17.78 19.23
C THR B 99 4.33 19.08 18.63
N THR B 100 3.41 20.02 18.50
CA THR B 100 3.72 21.37 18.01
C THR B 100 4.48 22.18 19.05
N LEU B 101 5.18 23.21 18.57
CA LEU B 101 5.96 24.08 19.47
C LEU B 101 5.00 24.89 20.28
N SER B 102 3.94 25.35 19.61
CA SER B 102 3.10 26.41 20.21
C SER B 102 2.14 26.14 21.39
N ASP B 103 1.43 25.01 21.38
CA ASP B 103 0.36 24.73 22.28
C ASP B 103 0.72 23.34 22.79
N GLY B 104 1.90 22.85 22.37
CA GLY B 104 2.27 21.43 22.56
C GLY B 104 1.22 20.36 22.30
N ALA B 105 0.40 20.53 21.26
CA ALA B 105 -0.68 19.58 20.97
C ALA B 105 -0.28 18.56 19.91
N THR B 106 -0.94 17.40 19.90
CA THR B 106 -0.68 16.36 18.92
C THR B 106 -1.65 16.56 17.77
N ALA B 107 -1.47 15.81 16.68
CA ALA B 107 -2.37 15.96 15.54
C ALA B 107 -3.80 15.68 15.94
N PHE B 108 -3.99 14.65 16.76
CA PHE B 108 -5.31 14.29 17.23
C PHE B 108 -6.01 15.50 17.85
N GLU B 109 -5.29 16.21 18.70
CA GLU B 109 -5.81 17.36 19.40
C GLU B 109 -6.06 18.59 18.51
N LYS B 110 -5.56 18.57 17.29
CA LYS B 110 -5.75 19.69 16.38
C LYS B 110 -6.97 19.57 15.47
N CYS B 111 -7.66 18.43 15.53
CA CYS B 111 -8.85 18.25 14.72
C CYS B 111 -9.85 19.37 15.03
N ASP B 112 -10.45 19.95 13.99
CA ASP B 112 -11.38 21.07 14.15
C ASP B 112 -12.86 20.64 14.18
N PRO B 113 -13.49 20.68 15.37
CA PRO B 113 -14.90 20.30 15.50
C PRO B 113 -15.88 21.32 14.87
N TYR B 114 -15.33 22.43 14.36
CA TYR B 114 -16.14 23.44 13.70
C TYR B 114 -16.22 23.18 12.20
N ARG B 115 -15.36 22.29 11.69
CA ARG B 115 -15.37 21.89 10.27
C ARG B 115 -15.94 20.50 10.09
N GLU B 116 -16.46 20.21 8.90
CA GLU B 116 -17.02 18.90 8.65
C GLU B 116 -15.91 17.85 8.61
N GLY B 117 -16.26 16.62 8.95
CA GLY B 117 -15.30 15.53 8.94
C GLY B 117 -14.53 15.36 10.22
N TYR B 118 -14.85 16.19 11.22
CA TYR B 118 -14.19 16.12 12.52
C TYR B 118 -14.28 14.75 13.18
N ALA B 119 -15.49 14.23 13.35
CA ALA B 119 -15.71 12.93 13.96
C ALA B 119 -14.92 11.79 13.33
N ASP B 120 -14.97 11.72 12.00
CA ASP B 120 -14.26 10.68 11.27
C ASP B 120 -12.76 10.76 11.44
N CYS B 121 -12.20 11.96 11.38
CA CYS B 121 -10.76 12.14 11.51
C CYS B 121 -10.26 11.87 12.93
N ALA B 122 -10.94 12.43 13.92
CA ALA B 122 -10.56 12.22 15.33
C ALA B 122 -10.59 10.73 15.67
N THR B 123 -11.67 10.07 15.25
CA THR B 123 -11.84 8.65 15.51
C THR B 123 -10.71 7.85 14.89
N TYR B 124 -10.35 8.19 13.65
CA TYR B 124 -9.25 7.48 12.99
C TYR B 124 -7.95 7.67 13.75
N LEU B 125 -7.60 8.91 14.08
CA LEU B 125 -6.37 9.18 14.80
C LEU B 125 -6.37 8.55 16.18
N ALA B 126 -7.52 8.53 16.84
CA ALA B 126 -7.61 7.93 18.16
C ALA B 126 -7.35 6.42 18.03
N ASP B 127 -7.91 5.83 16.99
CA ASP B 127 -7.71 4.41 16.77
C ASP B 127 -6.25 4.13 16.39
N VAL B 128 -5.65 5.04 15.64
CA VAL B 128 -4.27 4.89 15.23
C VAL B 128 -3.42 4.91 16.47
N GLU B 129 -3.65 5.86 17.39
CA GLU B 129 -2.87 5.93 18.62
C GLU B 129 -2.92 4.64 19.43
N GLN B 130 -4.12 4.09 19.56
CA GLN B 130 -4.32 2.85 20.34
C GLN B 130 -3.77 1.59 19.66
N SER B 131 -3.72 1.60 18.34
CA SER B 131 -3.24 0.43 17.61
C SER B 131 -1.72 0.27 17.69
N MET B 132 -1.01 1.31 18.12
CA MET B 132 0.45 1.25 18.20
C MET B 132 0.94 0.40 19.38
N GLY B 133 1.67 -0.67 19.08
CA GLY B 133 2.17 -1.56 20.11
C GLY B 133 1.18 -2.67 20.35
N LEU B 134 0.18 -2.72 19.49
CA LEU B 134 -0.86 -3.75 19.56
C LEU B 134 -1.02 -4.41 18.20
N MET B 135 -1.25 -3.60 17.16
CA MET B 135 -1.38 -4.13 15.82
C MET B 135 -0.02 -4.41 15.22
N ASN B 136 -0.03 -5.15 14.11
CA ASN B 136 1.20 -5.53 13.43
C ASN B 136 2.14 -6.26 14.39
N SER B 137 1.56 -7.11 15.22
CA SER B 137 2.27 -7.88 16.24
C SER B 137 3.02 -7.01 17.26
N GLY B 138 2.52 -5.79 17.47
CA GLY B 138 3.12 -4.87 18.42
C GLY B 138 4.33 -4.15 17.88
N ALA B 139 4.59 -4.31 16.59
CA ALA B 139 5.81 -3.74 15.98
C ALA B 139 5.68 -2.30 15.48
N VAL B 140 6.67 -1.46 15.80
CA VAL B 140 6.61 -0.04 15.48
C VAL B 140 7.92 0.37 14.88
N TYR B 141 7.89 1.42 14.06
CA TYR B 141 9.08 1.80 13.30
C TYR B 141 9.72 3.11 13.77
N ALA B 142 11.03 3.05 14.00
CA ALA B 142 11.77 4.20 14.49
C ALA B 142 11.82 5.23 13.38
N LEU B 143 11.56 6.48 13.73
CA LEU B 143 11.52 7.54 12.74
C LEU B 143 12.74 8.43 12.89
N TRP B 144 13.61 8.12 13.84
CA TRP B 144 14.78 8.96 14.14
C TRP B 144 15.85 8.08 14.78
N ASP B 145 17.12 8.45 14.66
CA ASP B 145 18.18 7.74 15.36
C ASP B 145 18.08 8.14 16.82
N TYR B 146 18.44 7.25 17.73
CA TYR B 146 18.36 7.57 19.15
C TYR B 146 19.49 6.95 19.94
N SER B 147 20.18 7.78 20.72
CA SER B 147 21.27 7.30 21.56
C SER B 147 20.77 7.33 22.99
N ALA B 148 20.67 6.15 23.61
CA ALA B 148 20.17 6.05 24.97
C ALA B 148 20.88 7.01 25.91
N GLU B 149 20.16 7.53 26.88
CA GLU B 149 20.73 8.47 27.85
C GLU B 149 21.03 7.70 29.13
N PHE B 150 20.45 6.52 29.24
CA PHE B 150 20.58 5.71 30.44
C PHE B 150 20.63 4.26 30.04
N GLY B 151 21.32 3.45 30.86
CA GLY B 151 21.50 2.05 30.56
C GLY B 151 20.19 1.30 30.47
N ASP B 152 19.16 1.77 31.17
CA ASP B 152 17.84 1.12 31.16
C ASP B 152 16.99 1.54 29.97
N GLU B 153 17.59 2.28 29.04
CA GLU B 153 16.92 2.72 27.82
C GLU B 153 17.53 1.98 26.64
N LEU B 154 16.80 1.93 25.54
CA LEU B 154 17.24 1.21 24.34
C LEU B 154 17.64 2.17 23.19
N SER B 155 18.76 1.86 22.54
CA SER B 155 19.28 2.69 21.47
C SER B 155 18.80 2.09 20.16
N PHE B 156 18.55 2.93 19.16
CA PHE B 156 18.08 2.43 17.86
C PHE B 156 18.31 3.44 16.74
N ARG B 157 18.33 2.94 15.51
CA ARG B 157 18.50 3.78 14.34
C ARG B 157 17.19 3.96 13.60
N GLU B 158 17.14 4.99 12.78
CA GLU B 158 15.96 5.32 12.00
C GLU B 158 15.65 4.15 11.06
N GLY B 159 14.38 3.77 11.00
CA GLY B 159 13.96 2.72 10.09
C GLY B 159 13.89 1.32 10.69
N GLU B 160 14.39 1.15 11.91
CA GLU B 160 14.41 -0.17 12.51
C GLU B 160 13.05 -0.56 13.13
N SER B 161 12.76 -1.86 13.12
CA SER B 161 11.49 -2.38 13.62
C SER B 161 11.62 -2.77 15.09
N VAL B 162 10.75 -2.25 15.92
CA VAL B 162 10.86 -2.49 17.35
C VAL B 162 9.55 -3.07 17.88
N THR B 163 9.63 -4.10 18.73
CA THR B 163 8.43 -4.69 19.29
C THR B 163 8.15 -4.07 20.64
N VAL B 164 6.91 -3.63 20.81
CA VAL B 164 6.48 -3.02 22.05
C VAL B 164 5.98 -4.13 22.98
N LEU B 165 6.70 -4.31 24.08
CA LEU B 165 6.36 -5.34 25.05
C LEU B 165 5.34 -4.84 26.07
N ARG B 166 5.63 -3.71 26.71
CA ARG B 166 4.71 -3.12 27.68
C ARG B 166 4.28 -1.73 27.23
N ARG B 167 3.02 -1.62 26.82
CA ARG B 167 2.49 -0.34 26.35
C ARG B 167 1.95 0.51 27.49
N ASP B 168 0.86 0.03 28.07
CA ASP B 168 0.02 0.87 28.91
C ASP B 168 0.53 0.95 30.32
N GLY B 169 1.84 1.00 30.51
CA GLY B 169 2.38 1.22 31.85
C GLY B 169 1.83 2.53 32.36
N PRO B 170 1.09 2.55 33.48
CA PRO B 170 0.49 3.81 33.99
C PRO B 170 1.52 4.80 34.55
N GLU B 171 2.59 4.25 35.12
CA GLU B 171 3.65 5.07 35.70
C GLU B 171 4.44 5.87 34.66
N GLU B 172 4.36 5.45 33.41
CA GLU B 172 5.06 6.17 32.35
C GLU B 172 4.21 6.17 31.07
N THR B 173 3.60 7.32 30.79
CA THR B 173 2.67 7.44 29.70
C THR B 173 3.45 7.83 28.46
N ASP B 174 4.73 8.15 28.63
CA ASP B 174 5.56 8.62 27.53
C ASP B 174 6.58 7.59 27.04
N TRP B 175 6.66 6.44 27.67
CA TRP B 175 7.67 5.43 27.30
C TRP B 175 7.04 4.06 27.16
N TRP B 176 7.68 3.17 26.40
CA TRP B 176 7.19 1.80 26.25
C TRP B 176 8.34 0.85 26.51
N TRP B 177 8.06 -0.29 27.11
CA TRP B 177 9.11 -1.29 27.30
C TRP B 177 9.19 -1.98 25.95
N ALA B 178 10.38 -2.04 25.36
CA ALA B 178 10.49 -2.61 24.01
C ALA B 178 11.65 -3.56 23.79
N ALA B 179 11.66 -4.22 22.63
CA ALA B 179 12.73 -5.18 22.28
C ALA B 179 13.26 -4.97 20.87
N LEU B 180 14.59 -4.90 20.74
CA LEU B 180 15.23 -4.73 19.45
C LEU B 180 16.48 -5.62 19.44
N HIS B 181 16.45 -6.61 18.55
CA HIS B 181 17.54 -7.57 18.40
C HIS B 181 17.86 -8.26 19.73
N GLY B 182 16.84 -8.68 20.46
CA GLY B 182 17.04 -9.36 21.73
C GLY B 182 17.24 -8.46 22.93
N GLN B 183 17.48 -7.17 22.70
CA GLN B 183 17.70 -6.25 23.80
C GLN B 183 16.37 -5.61 24.24
N GLU B 184 16.16 -5.49 25.56
CA GLU B 184 14.92 -4.93 26.09
C GLU B 184 15.21 -3.63 26.83
N GLY B 185 14.34 -2.63 26.65
CA GLY B 185 14.56 -1.33 27.28
C GLY B 185 13.42 -0.38 26.98
N TYR B 186 13.43 0.77 27.65
CA TYR B 186 12.42 1.79 27.43
C TYR B 186 12.75 2.66 26.20
N VAL B 187 11.71 3.05 25.47
CA VAL B 187 11.88 3.87 24.28
C VAL B 187 10.80 4.94 24.29
N PRO B 188 11.14 6.14 23.79
CA PRO B 188 10.19 7.23 23.74
C PRO B 188 9.12 7.03 22.68
N ARG B 189 7.85 7.12 23.08
CA ARG B 189 6.74 6.92 22.17
C ARG B 189 6.74 7.76 20.90
N ASN B 190 7.12 9.04 21.03
CA ASN B 190 7.09 9.98 19.91
C ASN B 190 8.18 9.76 18.86
N TYR B 191 8.99 8.72 19.03
CA TYR B 191 10.04 8.45 18.07
C TYR B 191 9.59 7.37 17.09
N PHE B 192 8.34 6.96 17.19
CA PHE B 192 7.85 5.85 16.38
C PHE B 192 6.63 6.14 15.47
N GLY B 193 6.60 5.38 14.37
CA GLY B 193 5.48 5.41 13.45
C GLY B 193 4.86 4.01 13.41
N LEU B 194 3.66 3.92 12.86
CA LEU B 194 3.00 2.63 12.75
C LEU B 194 3.56 1.99 11.51
N PHE B 195 4.09 2.84 10.61
CA PHE B 195 4.73 2.37 9.38
C PHE B 195 6.10 3.09 9.27
N PRO B 196 6.99 2.57 8.43
CA PRO B 196 8.33 3.13 8.27
C PRO B 196 8.41 4.28 7.28
N ARG B 197 9.44 5.11 7.39
CA ARG B 197 9.59 6.26 6.49
C ARG B 197 9.85 5.78 5.07
N VAL B 198 9.71 6.70 4.11
CA VAL B 198 10.03 6.40 2.72
C VAL B 198 11.45 6.83 2.43
N LYS B 199 12.28 5.84 2.15
CA LYS B 199 13.68 6.10 1.74
C LYS B 199 13.80 6.56 0.28
N PRO B 200 14.63 7.57 0.03
CA PRO B 200 15.04 7.95 -1.33
C PRO B 200 16.45 7.46 -1.70
#